data_6NND
#
_entry.id   6NND
#
_cell.length_a   60.981
_cell.length_b   70.863
_cell.length_c   72.110
_cell.angle_alpha   90.000
_cell.angle_beta   90.000
_cell.angle_gamma   90.000
#
_symmetry.space_group_name_H-M   'P 21 21 21'
#
loop_
_entity.id
_entity.type
_entity.pdbx_description
1 polymer 'Dihydrofolate reductase'
2 non-polymer 'NADPH DIHYDRO-NICOTINAMIDE-ADENINE-DINUCLEOTIDE PHOSPHATE'
3 non-polymer 'COBALT (II) ION'
4 non-polymer 'DIHYDROFOLIC ACID'
5 non-polymer 'SULFATE ION'
6 water water
#
_entity_poly.entity_id   1
_entity_poly.type   'polypeptide(L)'
_entity_poly.pdbx_seq_one_letter_code
;MVGLIWAQATSGVIGRGGDIPWRLPEDQAHFREITMGHTIVMGRRTWDSLPAKVRPLPGRRNVVLSRQADFMASGAEVVG
SLEEALTSPETWVIGGGQVYALALPYATRCEVTEVDIGLPREAGDALAPVLDETWRGETGEWRFSRSGLRYRLYSYHRS
;
_entity_poly.pdbx_strand_id   A,B
#
# COMPACT_ATOMS: atom_id res chain seq x y z
N MET A 1 5.55 -7.09 5.10
CA MET A 1 4.93 -6.62 3.84
C MET A 1 5.90 -6.80 2.69
N VAL A 2 5.55 -7.66 1.73
CA VAL A 2 6.27 -7.74 0.46
C VAL A 2 5.38 -7.21 -0.66
N GLY A 3 5.88 -6.23 -1.37
CA GLY A 3 5.20 -5.73 -2.54
C GLY A 3 6.04 -5.96 -3.77
N LEU A 4 5.38 -6.01 -4.92
CA LEU A 4 6.03 -6.04 -6.21
C LEU A 4 5.72 -4.71 -6.89
N ILE A 5 6.69 -4.17 -7.60
CA ILE A 5 6.44 -2.96 -8.38
C ILE A 5 7.01 -3.17 -9.77
N TRP A 6 6.22 -2.85 -10.81
CA TRP A 6 6.72 -2.99 -12.18
C TRP A 6 5.92 -2.09 -13.10
N ALA A 7 6.48 -1.87 -14.30
CA ALA A 7 5.78 -1.21 -15.40
C ALA A 7 5.70 -2.19 -16.56
N GLN A 8 4.52 -2.27 -17.19
CA GLN A 8 4.34 -3.21 -18.28
C GLN A 8 3.67 -2.54 -19.45
N ALA A 9 3.96 -3.06 -20.63
CA ALA A 9 3.12 -2.76 -21.78
C ALA A 9 1.75 -3.43 -21.61
N THR A 10 0.79 -3.00 -22.42
CA THR A 10 -0.53 -3.60 -22.31
C THR A 10 -0.47 -5.11 -22.52
N SER A 11 0.46 -5.57 -23.35
CA SER A 11 0.65 -7.00 -23.64
C SER A 11 1.21 -7.79 -22.47
N GLY A 12 1.74 -7.13 -21.46
CA GLY A 12 2.40 -7.82 -20.38
C GLY A 12 3.91 -7.79 -20.44
N VAL A 13 4.51 -7.32 -21.55
CA VAL A 13 5.97 -7.24 -21.64
C VAL A 13 6.50 -6.27 -20.58
N ILE A 14 7.51 -6.71 -19.83
CA ILE A 14 8.22 -5.80 -18.93
C ILE A 14 9.67 -5.61 -19.33
N GLY A 15 10.22 -6.48 -20.15
CA GLY A 15 11.62 -6.38 -20.48
C GLY A 15 11.91 -7.02 -21.81
N ARG A 16 12.93 -6.48 -22.50
CA ARG A 16 13.33 -7.04 -23.79
C ARG A 16 14.81 -6.71 -23.99
N GLY A 17 15.58 -7.70 -24.45
CA GLY A 17 17.00 -7.52 -24.68
C GLY A 17 17.79 -7.12 -23.45
N GLY A 18 17.32 -7.51 -22.28
CA GLY A 18 17.95 -7.18 -21.01
C GLY A 18 17.72 -5.76 -20.54
N ASP A 19 16.82 -5.02 -21.17
CA ASP A 19 16.51 -3.67 -20.75
C ASP A 19 15.00 -3.49 -20.91
N ILE A 20 14.56 -2.23 -20.95
CA ILE A 20 13.14 -1.88 -21.03
C ILE A 20 12.91 -1.02 -22.26
N PRO A 21 11.96 -1.34 -23.12
CA PRO A 21 11.79 -0.56 -24.36
C PRO A 21 10.96 0.72 -24.21
N TRP A 22 11.07 1.41 -23.08
CA TRP A 22 10.46 2.73 -22.88
C TRP A 22 11.10 3.31 -21.63
N ARG A 23 10.82 4.58 -21.36
CA ARG A 23 11.24 5.17 -20.09
C ARG A 23 10.33 6.35 -19.79
N LEU A 24 9.64 6.30 -18.66
CA LEU A 24 8.62 7.28 -18.29
C LEU A 24 9.13 7.97 -17.04
N PRO A 25 9.59 9.22 -17.14
CA PRO A 25 10.19 9.85 -15.94
C PRO A 25 9.23 9.87 -14.76
N GLU A 26 7.94 10.09 -15.02
CA GLU A 26 6.95 10.09 -13.94
C GLU A 26 6.83 8.72 -13.28
N ASP A 27 7.01 7.65 -14.06
CA ASP A 27 6.93 6.30 -13.50
C ASP A 27 8.15 6.00 -12.65
N GLN A 28 9.33 6.46 -13.08
CA GLN A 28 10.54 6.27 -12.28
C GLN A 28 10.47 7.09 -10.99
N ALA A 29 9.87 8.27 -11.03
CA ALA A 29 9.69 9.04 -9.81
C ALA A 29 8.74 8.34 -8.85
N HIS A 30 7.66 7.77 -9.38
CA HIS A 30 6.74 6.98 -8.59
C HIS A 30 7.47 5.78 -7.99
N PHE A 31 8.30 5.11 -8.81
CA PHE A 31 9.09 3.99 -8.31
C PHE A 31 9.97 4.42 -7.15
N ARG A 32 10.65 5.57 -7.29
CA ARG A 32 11.51 6.05 -6.22
C ARG A 32 10.72 6.33 -4.95
N GLU A 33 9.56 6.99 -5.08
CA GLU A 33 8.76 7.31 -3.89
C GLU A 33 8.33 6.06 -3.15
N ILE A 34 7.87 5.05 -3.89
CA ILE A 34 7.34 3.85 -3.24
C ILE A 34 8.46 3.04 -2.59
N THR A 35 9.64 3.00 -3.20
CA THR A 35 10.69 2.11 -2.68
C THR A 35 11.62 2.79 -1.69
N MET A 36 11.72 4.11 -1.70
CA MET A 36 12.73 4.84 -0.91
C MET A 36 12.69 4.42 0.57
N GLY A 37 13.88 4.19 1.14
CA GLY A 37 14.03 3.84 2.54
C GLY A 37 13.85 2.35 2.84
N HIS A 38 13.37 1.57 1.88
CA HIS A 38 13.00 0.17 2.12
C HIS A 38 14.00 -0.79 1.50
N THR A 39 13.79 -2.08 1.73
CA THR A 39 14.55 -3.11 1.03
C THR A 39 14.03 -3.21 -0.39
N ILE A 40 14.93 -3.28 -1.37
CA ILE A 40 14.55 -3.65 -2.73
C ILE A 40 15.29 -4.93 -3.08
N VAL A 41 14.57 -5.89 -3.64
CA VAL A 41 15.11 -7.20 -4.00
C VAL A 41 14.96 -7.36 -5.50
N MET A 42 16.03 -7.81 -6.15
CA MET A 42 16.03 -7.88 -7.60
C MET A 42 16.85 -9.07 -8.06
N GLY A 43 16.48 -9.61 -9.22
CA GLY A 43 17.31 -10.64 -9.84
C GLY A 43 18.59 -10.05 -10.37
N ARG A 44 19.59 -10.91 -10.55
CA ARG A 44 20.90 -10.44 -10.99
C ARG A 44 20.83 -9.73 -12.34
N ARG A 45 19.99 -10.22 -13.26
CA ARG A 45 19.88 -9.54 -14.55
C ARG A 45 19.34 -8.12 -14.39
N THR A 46 18.43 -7.90 -13.44
CA THR A 46 17.90 -6.56 -13.22
C THR A 46 18.94 -5.66 -12.56
N TRP A 47 19.74 -6.20 -11.62
CA TRP A 47 20.90 -5.45 -11.13
C TRP A 47 21.77 -4.98 -12.29
N ASP A 48 22.08 -5.91 -13.22
CA ASP A 48 22.92 -5.56 -14.37
C ASP A 48 22.29 -4.47 -15.20
N SER A 49 20.95 -4.41 -15.22
CA SER A 49 20.23 -3.44 -16.05
C SER A 49 20.15 -2.06 -15.41
N LEU A 50 20.46 -1.92 -14.12
CA LEU A 50 20.40 -0.60 -13.50
C LEU A 50 21.49 0.29 -14.08
N PRO A 51 21.18 1.54 -14.43
CA PRO A 51 22.24 2.46 -14.87
C PRO A 51 23.30 2.58 -13.78
N ALA A 52 24.57 2.62 -14.20
CA ALA A 52 25.67 2.66 -13.25
C ALA A 52 25.50 3.80 -12.24
N LYS A 53 24.88 4.91 -12.66
CA LYS A 53 24.66 6.04 -11.77
C LYS A 53 23.83 5.67 -10.55
N VAL A 54 22.92 4.70 -10.69
CA VAL A 54 21.99 4.40 -9.61
C VAL A 54 22.20 2.96 -9.15
N ARG A 55 23.45 2.53 -9.10
CA ARG A 55 23.83 1.19 -8.64
C ARG A 55 24.81 1.32 -7.50
N PRO A 56 24.39 1.16 -6.25
CA PRO A 56 23.03 0.81 -5.83
C PRO A 56 22.06 1.98 -5.88
N LEU A 57 20.77 1.69 -5.88
CA LEU A 57 19.76 2.73 -5.77
C LEU A 57 19.85 3.37 -4.38
N PRO A 58 19.96 4.70 -4.29
CA PRO A 58 20.25 5.34 -2.99
C PRO A 58 19.13 5.25 -1.97
N GLY A 59 19.52 5.19 -0.70
CA GLY A 59 18.56 5.23 0.39
C GLY A 59 17.78 3.94 0.57
N ARG A 60 18.23 2.86 -0.06
CA ARG A 60 17.54 1.59 -0.01
C ARG A 60 18.54 0.48 0.22
N ARG A 61 18.10 -0.56 0.94
CA ARG A 61 18.90 -1.78 1.07
C ARG A 61 18.77 -2.59 -0.22
N ASN A 62 19.80 -2.55 -1.07
CA ASN A 62 19.77 -3.24 -2.36
C ASN A 62 20.15 -4.71 -2.17
N VAL A 63 19.26 -5.63 -2.52
CA VAL A 63 19.51 -7.07 -2.39
C VAL A 63 19.38 -7.68 -3.77
N VAL A 64 20.34 -8.52 -4.13
CA VAL A 64 20.42 -9.09 -5.47
C VAL A 64 20.38 -10.61 -5.33
N LEU A 65 19.49 -11.26 -6.06
CA LEU A 65 19.36 -12.71 -6.02
C LEU A 65 20.19 -13.31 -7.15
N SER A 66 21.08 -14.25 -6.81
CA SER A 66 21.91 -14.91 -7.81
C SER A 66 22.22 -16.33 -7.35
N ARG A 67 22.38 -17.24 -8.29
CA ARG A 67 22.87 -18.57 -7.92
C ARG A 67 24.39 -18.66 -7.93
N GLN A 68 25.07 -17.62 -8.39
CA GLN A 68 26.52 -17.53 -8.38
C GLN A 68 26.96 -17.17 -6.97
N ALA A 69 27.56 -18.12 -6.26
CA ALA A 69 27.93 -17.89 -4.87
C ALA A 69 28.94 -16.77 -4.70
N ASP A 70 29.72 -16.46 -5.74
CA ASP A 70 30.74 -15.43 -5.64
C ASP A 70 30.42 -14.22 -6.52
N PHE A 71 29.18 -14.09 -6.95
CA PHE A 71 28.80 -12.91 -7.70
C PHE A 71 28.91 -11.72 -6.77
N MET A 72 29.52 -10.65 -7.26
CA MET A 72 29.71 -9.45 -6.48
C MET A 72 28.90 -8.33 -7.13
N ALA A 73 28.20 -7.59 -6.28
CA ALA A 73 27.38 -6.47 -6.70
C ALA A 73 27.74 -5.39 -5.71
N SER A 74 28.59 -4.47 -6.16
CA SER A 74 29.15 -3.47 -5.28
C SER A 74 28.05 -2.53 -4.80
N GLY A 75 27.86 -2.47 -3.49
CA GLY A 75 26.80 -1.69 -2.89
C GLY A 75 25.56 -2.48 -2.59
N ALA A 76 25.53 -3.75 -2.98
CA ALA A 76 24.39 -4.63 -2.74
C ALA A 76 24.83 -5.82 -1.92
N GLU A 77 23.83 -6.45 -1.29
CA GLU A 77 23.92 -7.80 -0.73
C GLU A 77 23.55 -8.80 -1.80
N VAL A 78 24.35 -9.83 -1.98
CA VAL A 78 24.00 -10.91 -2.91
C VAL A 78 23.55 -12.11 -2.11
N VAL A 79 22.35 -12.62 -2.38
CA VAL A 79 21.82 -13.76 -1.65
C VAL A 79 21.45 -14.86 -2.63
N GLY A 80 21.38 -16.08 -2.12
CA GLY A 80 21.14 -17.23 -2.97
C GLY A 80 19.71 -17.73 -2.93
N SER A 81 18.87 -17.12 -2.10
CA SER A 81 17.47 -17.48 -2.03
C SER A 81 16.68 -16.24 -1.65
N LEU A 82 15.43 -16.20 -2.10
CA LEU A 82 14.60 -15.02 -1.82
C LEU A 82 14.30 -14.86 -0.34
N GLU A 83 14.16 -15.98 0.38
CA GLU A 83 13.81 -15.90 1.79
C GLU A 83 14.81 -15.10 2.59
N GLU A 84 16.10 -15.18 2.24
CA GLU A 84 17.14 -14.42 2.94
C GLU A 84 16.90 -12.92 2.86
N ALA A 85 16.23 -12.47 1.81
CA ALA A 85 16.06 -11.05 1.55
C ALA A 85 14.85 -10.43 2.26
N LEU A 86 14.03 -11.23 2.94
CA LEU A 86 12.75 -10.73 3.46
C LEU A 86 12.79 -10.46 4.95
N THR A 87 13.80 -9.75 5.46
CA THR A 87 13.88 -9.54 6.90
C THR A 87 13.35 -8.19 7.37
N SER A 88 13.08 -7.25 6.45
CA SER A 88 12.74 -5.89 6.83
C SER A 88 11.23 -5.68 6.78
N PRO A 89 10.71 -4.72 7.54
CA PRO A 89 9.25 -4.54 7.62
C PRO A 89 8.57 -4.29 6.28
N GLU A 90 9.21 -3.55 5.39
CA GLU A 90 8.66 -3.30 4.06
C GLU A 90 9.72 -3.67 3.03
N THR A 91 9.38 -4.62 2.15
CA THR A 91 10.29 -5.12 1.12
C THR A 91 9.61 -4.96 -0.23
N TRP A 92 10.31 -4.36 -1.18
CA TRP A 92 9.80 -4.19 -2.54
C TRP A 92 10.62 -5.03 -3.51
N VAL A 93 9.94 -5.91 -4.23
CA VAL A 93 10.57 -6.74 -5.26
C VAL A 93 10.53 -5.95 -6.55
N ILE A 94 11.70 -5.63 -7.12
CA ILE A 94 11.74 -4.74 -8.28
C ILE A 94 12.13 -5.48 -9.56
N GLY A 95 11.90 -6.79 -9.63
CA GLY A 95 12.05 -7.54 -10.86
C GLY A 95 13.30 -8.39 -10.90
N GLY A 96 13.50 -9.08 -12.04
CA GLY A 96 12.69 -8.97 -13.25
C GLY A 96 11.64 -10.06 -13.35
N GLY A 97 11.40 -10.55 -14.57
CA GLY A 97 10.35 -11.54 -14.77
C GLY A 97 10.48 -12.76 -13.88
N GLN A 98 11.70 -13.31 -13.80
CA GLN A 98 11.90 -14.52 -12.99
C GLN A 98 11.64 -14.24 -11.52
N VAL A 99 12.18 -13.14 -11.01
CA VAL A 99 12.06 -12.89 -9.58
C VAL A 99 10.66 -12.42 -9.22
N TYR A 100 9.95 -11.71 -10.10
CA TYR A 100 8.53 -11.43 -9.82
C TYR A 100 7.77 -12.73 -9.60
N ALA A 101 7.99 -13.71 -10.47
CA ALA A 101 7.27 -14.98 -10.34
C ALA A 101 7.63 -15.69 -9.05
N LEU A 102 8.89 -15.61 -8.68
CA LEU A 102 9.35 -16.28 -7.46
C LEU A 102 8.78 -15.61 -6.22
N ALA A 103 8.60 -14.29 -6.26
CA ALA A 103 8.18 -13.54 -5.09
C ALA A 103 6.68 -13.48 -4.91
N LEU A 104 5.91 -13.70 -5.98
CA LEU A 104 4.47 -13.49 -5.91
C LEU A 104 3.78 -14.20 -4.73
N PRO A 105 4.10 -15.45 -4.38
CA PRO A 105 3.43 -16.06 -3.22
C PRO A 105 3.65 -15.33 -1.92
N TYR A 106 4.71 -14.53 -1.80
CA TYR A 106 4.99 -13.77 -0.59
C TYR A 106 4.34 -12.41 -0.58
N ALA A 107 3.70 -12.01 -1.68
CA ALA A 107 3.33 -10.61 -1.88
C ALA A 107 1.89 -10.35 -1.49
N THR A 108 1.67 -9.15 -0.97
CA THR A 108 0.34 -8.65 -0.67
C THR A 108 0.02 -7.36 -1.41
N ARG A 109 0.99 -6.73 -2.06
CA ARG A 109 0.75 -5.53 -2.86
C ARG A 109 1.47 -5.69 -4.18
N CYS A 110 0.82 -5.22 -5.26
CA CYS A 110 1.50 -4.97 -6.52
C CYS A 110 1.18 -3.56 -6.98
N GLU A 111 2.20 -2.77 -7.24
CA GLU A 111 2.05 -1.42 -7.75
C GLU A 111 2.44 -1.47 -9.21
N VAL A 112 1.45 -1.41 -10.09
CA VAL A 112 1.65 -1.72 -11.50
C VAL A 112 1.42 -0.46 -12.32
N THR A 113 2.39 -0.10 -13.14
CA THR A 113 2.18 0.96 -14.13
C THR A 113 1.89 0.28 -15.45
N GLU A 114 0.73 0.58 -16.03
CA GLU A 114 0.41 0.10 -17.36
C GLU A 114 0.76 1.20 -18.34
N VAL A 115 1.62 0.88 -19.30
CA VAL A 115 2.06 1.83 -20.31
C VAL A 115 1.28 1.55 -21.58
N ASP A 116 0.64 2.59 -22.13
CA ASP A 116 -0.22 2.45 -23.31
C ASP A 116 0.68 2.40 -24.55
N ILE A 117 1.37 1.29 -24.68
CA ILE A 117 2.25 1.01 -25.81
C ILE A 117 1.89 -0.37 -26.34
N GLY A 118 1.76 -0.45 -27.66
CA GLY A 118 1.39 -1.63 -28.41
C GLY A 118 2.62 -2.46 -28.75
N LEU A 119 3.01 -3.31 -27.82
CA LEU A 119 4.25 -4.07 -27.91
C LEU A 119 3.94 -5.56 -27.85
N PRO A 120 3.77 -6.22 -28.98
CA PRO A 120 3.47 -7.67 -28.95
C PRO A 120 4.59 -8.45 -28.28
N ARG A 121 4.19 -9.54 -27.63
CA ARG A 121 5.14 -10.39 -26.91
C ARG A 121 6.03 -11.16 -27.88
N GLU A 122 7.32 -11.21 -27.57
CA GLU A 122 8.34 -11.87 -28.38
C GLU A 122 9.04 -12.89 -27.51
N ALA A 123 9.54 -13.96 -28.13
CA ALA A 123 10.37 -14.93 -27.41
C ALA A 123 11.54 -14.21 -26.74
N GLY A 124 11.82 -14.59 -25.49
CA GLY A 124 12.88 -13.97 -24.74
C GLY A 124 12.47 -12.76 -23.92
N ASP A 125 11.29 -12.19 -24.18
CA ASP A 125 10.81 -11.09 -23.35
C ASP A 125 10.63 -11.55 -21.90
N ALA A 126 10.88 -10.64 -20.97
CA ALA A 126 10.41 -10.80 -19.61
C ALA A 126 8.97 -10.30 -19.50
N LEU A 127 8.13 -11.03 -18.75
CA LEU A 127 6.71 -10.75 -18.63
C LEU A 127 6.32 -10.46 -17.19
N ALA A 128 5.25 -9.68 -17.06
CA ALA A 128 4.63 -9.44 -15.76
C ALA A 128 3.98 -10.73 -15.26
N PRO A 129 3.97 -10.93 -13.95
CA PRO A 129 3.27 -12.08 -13.39
C PRO A 129 1.76 -11.92 -13.55
N VAL A 130 1.07 -13.06 -13.63
CA VAL A 130 -0.38 -13.07 -13.78
C VAL A 130 -1.01 -13.01 -12.39
N LEU A 131 -2.00 -12.14 -12.23
CA LEU A 131 -2.60 -11.89 -10.92
C LEU A 131 -3.98 -12.54 -10.92
N ASP A 132 -4.15 -13.57 -10.09
CA ASP A 132 -5.41 -14.31 -10.09
C ASP A 132 -6.50 -13.65 -9.25
N GLU A 133 -7.55 -14.46 -8.97
CA GLU A 133 -8.73 -14.04 -8.23
C GLU A 133 -8.39 -13.42 -6.87
N THR A 134 -7.36 -13.92 -6.18
CA THR A 134 -7.13 -13.45 -4.82
C THR A 134 -6.74 -11.98 -4.74
N TRP A 135 -6.43 -11.32 -5.87
CA TRP A 135 -5.96 -9.94 -5.90
C TRP A 135 -7.11 -8.95 -6.13
N ARG A 136 -7.23 -7.96 -5.25
CA ARG A 136 -8.20 -6.87 -5.44
C ARG A 136 -7.48 -5.71 -6.09
N GLY A 137 -8.05 -5.14 -7.15
CA GLY A 137 -7.38 -4.10 -7.92
C GLY A 137 -8.08 -2.78 -7.78
N GLU A 138 -7.29 -1.71 -7.67
CA GLU A 138 -7.73 -0.33 -7.70
C GLU A 138 -6.97 0.41 -8.81
N THR A 139 -7.65 0.78 -9.89
CA THR A 139 -7.08 1.59 -10.95
C THR A 139 -7.23 3.10 -10.77
N GLY A 140 -6.17 3.81 -11.18
CA GLY A 140 -6.22 5.25 -11.37
C GLY A 140 -6.60 5.61 -12.82
N GLU A 141 -6.76 6.90 -13.06
CA GLU A 141 -7.07 7.38 -14.41
C GLU A 141 -5.82 7.47 -15.29
N TRP A 142 -6.05 7.38 -16.59
CA TRP A 142 -4.97 7.55 -17.57
C TRP A 142 -4.32 8.91 -17.41
N ARG A 143 -2.99 8.93 -17.50
CA ARG A 143 -2.20 10.15 -17.41
C ARG A 143 -1.29 10.22 -18.64
N PHE A 144 -0.87 11.43 -18.99
CA PHE A 144 0.08 11.62 -20.08
C PHE A 144 1.48 11.80 -19.52
N SER A 145 2.43 11.02 -20.03
CA SER A 145 3.82 11.20 -19.64
C SER A 145 4.44 12.21 -20.59
N ARG A 146 5.41 12.96 -20.09
CA ARG A 146 6.15 13.82 -21.00
C ARG A 146 6.84 13.03 -22.11
N SER A 147 7.00 11.71 -21.93
CA SER A 147 7.63 10.92 -23.00
C SER A 147 6.70 10.72 -24.19
N GLY A 148 5.42 11.04 -24.05
CA GLY A 148 4.46 10.94 -25.13
C GLY A 148 3.50 9.79 -24.95
N LEU A 149 3.82 8.84 -24.08
CA LEU A 149 2.97 7.68 -23.82
C LEU A 149 2.01 7.95 -22.66
N ARG A 150 0.80 7.43 -22.79
CA ARG A 150 -0.13 7.44 -21.67
C ARG A 150 0.20 6.29 -20.74
N TYR A 151 -0.12 6.47 -19.46
CA TYR A 151 0.10 5.42 -18.48
C TYR A 151 -0.95 5.57 -17.39
N ARG A 152 -1.16 4.48 -16.64
CA ARG A 152 -2.02 4.58 -15.48
C ARG A 152 -1.49 3.61 -14.45
N LEU A 153 -1.77 3.91 -13.19
CA LEU A 153 -1.27 3.14 -12.07
C LEU A 153 -2.40 2.25 -11.56
N TYR A 154 -2.09 0.99 -11.32
CA TYR A 154 -2.99 0.05 -10.64
C TYR A 154 -2.37 -0.28 -9.30
N SER A 155 -3.18 -0.36 -8.26
CA SER A 155 -2.71 -0.83 -6.96
C SER A 155 -3.48 -2.09 -6.63
N TYR A 156 -2.82 -3.24 -6.73
CA TYR A 156 -3.44 -4.51 -6.38
C TYR A 156 -3.05 -4.87 -4.96
N HIS A 157 -3.97 -5.47 -4.22
CA HIS A 157 -3.61 -5.87 -2.87
C HIS A 157 -4.43 -7.10 -2.50
N ARG A 158 -3.89 -7.87 -1.55
CA ARG A 158 -4.60 -9.00 -1.00
C ARG A 158 -4.11 -9.23 0.42
N SER A 159 -4.92 -9.91 1.22
CA SER A 159 -4.48 -10.18 2.57
C SER A 159 -3.47 -11.30 2.55
N MET B 1 6.07 -0.23 9.71
CA MET B 1 5.03 0.43 8.94
C MET B 1 3.78 0.68 9.81
N VAL B 2 3.51 1.95 10.08
CA VAL B 2 2.24 2.37 10.67
C VAL B 2 1.45 3.04 9.56
N GLY B 3 0.24 2.51 9.28
CA GLY B 3 -0.67 3.13 8.34
C GLY B 3 -1.95 3.56 9.03
N LEU B 4 -2.63 4.53 8.45
CA LEU B 4 -3.96 4.93 8.85
C LEU B 4 -4.90 4.57 7.71
N ILE B 5 -6.10 4.12 8.07
CA ILE B 5 -7.14 3.84 7.08
C ILE B 5 -8.43 4.45 7.58
N TRP B 6 -9.15 5.16 6.70
CA TRP B 6 -10.45 5.72 7.03
C TRP B 6 -11.24 5.96 5.75
N ALA B 7 -12.55 6.14 5.93
CA ALA B 7 -13.42 6.65 4.88
C ALA B 7 -14.06 7.94 5.36
N GLN B 8 -14.06 8.98 4.52
CA GLN B 8 -14.61 10.27 4.88
C GLN B 8 -15.57 10.77 3.82
N ALA B 9 -16.51 11.59 4.24
CA ALA B 9 -17.20 12.41 3.25
C ALA B 9 -16.21 13.41 2.67
N THR B 10 -16.58 14.03 1.53
CA THR B 10 -15.68 15.04 0.98
C THR B 10 -15.38 16.13 1.99
N SER B 11 -16.35 16.45 2.85
CA SER B 11 -16.20 17.48 3.89
C SER B 11 -15.17 17.12 4.95
N GLY B 12 -14.81 15.84 5.07
CA GLY B 12 -13.93 15.40 6.15
C GLY B 12 -14.63 14.70 7.32
N VAL B 13 -15.95 14.70 7.37
CA VAL B 13 -16.66 13.98 8.44
C VAL B 13 -16.41 12.48 8.30
N ILE B 14 -16.02 11.84 9.40
CA ILE B 14 -15.89 10.39 9.46
C ILE B 14 -16.88 9.76 10.44
N GLY B 15 -17.45 10.51 11.37
CA GLY B 15 -18.30 9.90 12.38
C GLY B 15 -19.26 10.91 12.98
N ARG B 16 -20.40 10.41 13.43
CA ARG B 16 -21.40 11.25 14.07
C ARG B 16 -22.28 10.35 14.94
N GLY B 17 -22.58 10.81 16.16
CA GLY B 17 -23.47 10.04 17.01
C GLY B 17 -22.97 8.65 17.32
N GLY B 18 -21.65 8.46 17.35
CA GLY B 18 -21.10 7.14 17.62
C GLY B 18 -21.19 6.19 16.46
N ASP B 19 -21.45 6.70 15.26
CA ASP B 19 -21.69 5.83 14.12
C ASP B 19 -21.01 6.44 12.89
N ILE B 20 -21.16 5.76 11.77
CA ILE B 20 -20.71 6.27 10.47
C ILE B 20 -21.99 6.51 9.68
N PRO B 21 -22.25 7.73 9.23
CA PRO B 21 -23.57 8.07 8.69
C PRO B 21 -23.76 7.71 7.22
N TRP B 22 -23.32 6.53 6.81
CA TRP B 22 -23.55 6.04 5.45
C TRP B 22 -23.24 4.54 5.47
N ARG B 23 -23.42 3.89 4.32
CA ARG B 23 -23.10 2.48 4.15
C ARG B 23 -22.47 2.33 2.78
N LEU B 24 -21.27 1.76 2.75
CA LEU B 24 -20.51 1.60 1.52
C LEU B 24 -19.85 0.24 1.61
N PRO B 25 -20.50 -0.84 1.19
CA PRO B 25 -19.96 -2.19 1.47
C PRO B 25 -18.63 -2.48 0.79
N GLU B 26 -18.41 -1.99 -0.44
CA GLU B 26 -17.11 -2.23 -1.11
C GLU B 26 -15.97 -1.62 -0.31
N ASP B 27 -16.21 -0.48 0.33
CA ASP B 27 -15.17 0.14 1.13
C ASP B 27 -14.91 -0.66 2.41
N GLN B 28 -15.96 -1.23 2.99
CA GLN B 28 -15.75 -2.08 4.16
C GLN B 28 -14.96 -3.33 3.80
N ALA B 29 -15.21 -3.90 2.62
CA ALA B 29 -14.44 -5.05 2.17
C ALA B 29 -12.99 -4.66 1.91
N HIS B 30 -12.78 -3.48 1.35
CA HIS B 30 -11.45 -2.93 1.18
C HIS B 30 -10.76 -2.78 2.54
N PHE B 31 -11.48 -2.25 3.52
CA PHE B 31 -10.95 -2.12 4.87
C PHE B 31 -10.54 -3.48 5.42
N ARG B 32 -11.41 -4.48 5.25
CA ARG B 32 -11.09 -5.80 5.77
C ARG B 32 -9.84 -6.37 5.11
N GLU B 33 -9.72 -6.21 3.79
CA GLU B 33 -8.59 -6.76 3.05
C GLU B 33 -7.28 -6.12 3.49
N ILE B 34 -7.30 -4.80 3.71
CA ILE B 34 -6.08 -4.10 4.09
C ILE B 34 -5.66 -4.47 5.51
N THR B 35 -6.62 -4.63 6.42
CA THR B 35 -6.27 -4.80 7.83
C THR B 35 -6.10 -6.26 8.24
N MET B 36 -6.68 -7.19 7.48
CA MET B 36 -6.72 -8.60 7.90
C MET B 36 -5.33 -9.11 8.21
N GLY B 37 -5.22 -9.84 9.33
CA GLY B 37 -3.96 -10.44 9.73
C GLY B 37 -3.04 -9.56 10.55
N HIS B 38 -3.31 -8.26 10.63
CA HIS B 38 -2.40 -7.30 11.22
C HIS B 38 -2.93 -6.82 12.56
N THR B 39 -2.09 -6.03 13.23
CA THR B 39 -2.51 -5.30 14.42
C THR B 39 -3.38 -4.14 13.98
N ILE B 40 -4.51 -3.94 14.64
CA ILE B 40 -5.32 -2.75 14.42
C ILE B 40 -5.38 -1.98 15.72
N VAL B 41 -5.24 -0.66 15.63
CA VAL B 41 -5.23 0.20 16.81
C VAL B 41 -6.38 1.18 16.69
N MET B 42 -7.17 1.30 17.76
CA MET B 42 -8.35 2.13 17.73
C MET B 42 -8.59 2.81 19.07
N GLY B 43 -9.22 3.97 19.01
CA GLY B 43 -9.68 4.61 20.22
C GLY B 43 -10.84 3.86 20.84
N ARG B 44 -11.02 4.07 22.15
CA ARG B 44 -12.05 3.35 22.87
C ARG B 44 -13.45 3.61 22.29
N ARG B 45 -13.73 4.84 21.85
CA ARG B 45 -15.04 5.11 21.28
C ARG B 45 -15.27 4.33 19.99
N THR B 46 -14.21 4.11 19.19
CA THR B 46 -14.35 3.33 17.97
C THR B 46 -14.56 1.84 18.28
N TRP B 47 -13.86 1.32 19.29
CA TRP B 47 -14.17 -0.03 19.75
C TRP B 47 -15.64 -0.17 20.10
N ASP B 48 -16.18 0.78 20.89
CA ASP B 48 -17.60 0.75 21.27
C ASP B 48 -18.51 0.78 20.05
N SER B 49 -18.07 1.44 18.97
CA SER B 49 -18.87 1.62 17.76
C SER B 49 -18.87 0.39 16.85
N LEU B 50 -17.96 -0.57 17.06
CA LEU B 50 -17.94 -1.76 16.23
C LEU B 50 -19.18 -2.59 16.47
N PRO B 51 -19.81 -3.13 15.42
CA PRO B 51 -20.92 -4.06 15.63
C PRO B 51 -20.48 -5.21 16.53
N ALA B 52 -21.36 -5.60 17.46
CA ALA B 52 -20.99 -6.62 18.45
C ALA B 52 -20.48 -7.90 17.80
N LYS B 53 -21.05 -8.27 16.65
CA LYS B 53 -20.66 -9.47 15.93
C LYS B 53 -19.19 -9.43 15.54
N VAL B 54 -18.65 -8.24 15.36
CA VAL B 54 -17.32 -8.08 14.82
C VAL B 54 -16.46 -7.30 15.81
N ARG B 55 -16.72 -7.51 17.11
CA ARG B 55 -15.98 -6.90 18.20
C ARG B 55 -15.46 -8.01 19.11
N PRO B 56 -14.18 -8.43 18.98
CA PRO B 56 -13.12 -7.88 18.13
C PRO B 56 -13.29 -8.23 16.65
N LEU B 57 -12.64 -7.45 15.81
CA LEU B 57 -12.59 -7.75 14.39
C LEU B 57 -11.78 -9.02 14.14
N PRO B 58 -12.32 -10.00 13.41
CA PRO B 58 -11.68 -11.31 13.30
C PRO B 58 -10.36 -11.28 12.51
N GLY B 59 -9.44 -12.13 12.94
CA GLY B 59 -8.18 -12.29 12.24
C GLY B 59 -7.22 -11.15 12.44
N ARG B 60 -7.49 -10.27 13.40
CA ARG B 60 -6.65 -9.11 13.63
C ARG B 60 -6.38 -8.97 15.11
N ARG B 61 -5.18 -8.49 15.45
CA ARG B 61 -4.83 -8.20 16.84
C ARG B 61 -5.45 -6.85 17.20
N ASN B 62 -6.55 -6.87 17.97
CA ASN B 62 -7.30 -5.67 18.30
C ASN B 62 -6.70 -4.96 19.51
N VAL B 63 -6.23 -3.72 19.30
CA VAL B 63 -5.62 -2.92 20.37
C VAL B 63 -6.45 -1.66 20.54
N VAL B 64 -6.81 -1.35 21.79
CA VAL B 64 -7.74 -0.25 22.07
C VAL B 64 -7.04 0.74 23.00
N LEU B 65 -7.10 2.02 22.65
CA LEU B 65 -6.48 3.09 23.44
C LEU B 65 -7.51 3.73 24.37
N SER B 66 -7.17 3.80 25.66
CA SER B 66 -8.05 4.48 26.59
C SER B 66 -7.21 5.07 27.71
N ARG B 67 -7.69 6.18 28.26
CA ARG B 67 -7.08 6.74 29.45
C ARG B 67 -7.68 6.14 30.72
N GLN B 68 -8.73 5.34 30.60
CA GLN B 68 -9.31 4.64 31.74
C GLN B 68 -8.33 3.54 32.10
N ALA B 69 -7.58 3.74 33.19
CA ALA B 69 -6.51 2.80 33.52
C ALA B 69 -7.03 1.39 33.75
N ASP B 70 -8.32 1.26 34.08
CA ASP B 70 -8.95 -0.02 34.34
C ASP B 70 -10.01 -0.39 33.30
N PHE B 71 -9.97 0.19 32.10
CA PHE B 71 -10.93 -0.20 31.07
C PHE B 71 -10.61 -1.60 30.53
N MET B 72 -11.63 -2.47 30.45
CA MET B 72 -11.47 -3.81 29.89
C MET B 72 -12.52 -4.10 28.83
N ALA B 73 -12.08 -4.81 27.80
CA ALA B 73 -12.95 -5.21 26.70
C ALA B 73 -12.52 -6.59 26.20
N SER B 74 -13.45 -7.54 26.22
CA SER B 74 -13.15 -8.90 25.81
C SER B 74 -12.75 -8.93 24.33
N GLY B 75 -11.57 -9.45 24.06
CA GLY B 75 -11.03 -9.46 22.72
C GLY B 75 -10.19 -8.26 22.41
N ALA B 76 -10.09 -7.30 23.32
CA ALA B 76 -9.33 -6.10 23.06
C ALA B 76 -8.13 -6.07 23.98
N GLU B 77 -7.00 -5.69 23.40
CA GLU B 77 -5.78 -5.40 24.13
C GLU B 77 -5.83 -3.91 24.45
N VAL B 78 -5.85 -3.56 25.73
CA VAL B 78 -6.05 -2.17 26.14
C VAL B 78 -4.73 -1.57 26.57
N VAL B 79 -4.38 -0.44 25.96
CA VAL B 79 -3.15 0.27 26.26
C VAL B 79 -3.50 1.73 26.57
N GLY B 80 -2.58 2.41 27.25
CA GLY B 80 -2.82 3.75 27.73
C GLY B 80 -2.15 4.86 26.95
N SER B 81 -1.40 4.50 25.91
CA SER B 81 -0.79 5.49 25.03
C SER B 81 -0.62 4.86 23.67
N LEU B 82 -0.59 5.69 22.63
CA LEU B 82 -0.43 5.17 21.28
C LEU B 82 0.91 4.48 21.13
N GLU B 83 1.95 5.01 21.78
CA GLU B 83 3.28 4.42 21.67
C GLU B 83 3.29 2.98 22.15
N GLU B 84 2.52 2.68 23.21
CA GLU B 84 2.41 1.30 23.66
C GLU B 84 1.72 0.43 22.62
N ALA B 85 0.82 1.00 21.82
CA ALA B 85 0.03 0.21 20.88
C ALA B 85 0.76 -0.03 19.57
N LEU B 86 1.85 0.67 19.35
CA LEU B 86 2.58 0.69 18.09
C LEU B 86 3.86 -0.12 18.20
N THR B 87 3.70 -1.41 18.53
CA THR B 87 4.84 -2.30 18.62
C THR B 87 5.02 -3.15 17.36
N SER B 88 4.00 -3.22 16.52
CA SER B 88 4.01 -4.33 15.57
C SER B 88 4.44 -3.93 14.17
N PRO B 89 5.01 -4.93 13.47
CA PRO B 89 5.64 -4.67 12.15
C PRO B 89 4.71 -4.04 11.12
N GLU B 90 3.45 -4.47 11.05
CA GLU B 90 2.46 -3.78 10.22
C GLU B 90 1.26 -3.50 11.11
N THR B 91 1.03 -2.23 11.39
CA THR B 91 -0.07 -1.80 12.24
C THR B 91 -0.93 -0.85 11.43
N TRP B 92 -2.24 -1.03 11.50
CA TRP B 92 -3.19 -0.13 10.87
C TRP B 92 -3.95 0.58 11.97
N VAL B 93 -3.90 1.91 11.98
CA VAL B 93 -4.67 2.70 12.92
C VAL B 93 -6.04 2.93 12.30
N ILE B 94 -7.10 2.46 12.98
CA ILE B 94 -8.43 2.48 12.38
C ILE B 94 -9.36 3.48 13.07
N GLY B 95 -8.82 4.54 13.67
CA GLY B 95 -9.65 5.64 14.16
C GLY B 95 -9.87 5.59 15.66
N GLY B 96 -10.69 6.51 16.16
CA GLY B 96 -11.45 7.46 15.35
C GLY B 96 -10.73 8.80 15.19
N GLY B 97 -11.50 9.90 15.23
CA GLY B 97 -10.92 11.21 14.97
C GLY B 97 -9.76 11.54 15.90
N GLN B 98 -9.93 11.31 17.19
CA GLN B 98 -8.87 11.62 18.14
C GLN B 98 -7.62 10.78 17.86
N VAL B 99 -7.80 9.48 17.62
CA VAL B 99 -6.64 8.60 17.48
C VAL B 99 -5.94 8.79 16.13
N TYR B 100 -6.67 9.09 15.04
CA TYR B 100 -6.00 9.44 13.79
C TYR B 100 -5.07 10.62 13.97
N ALA B 101 -5.54 11.66 14.66
CA ALA B 101 -4.75 12.85 14.89
C ALA B 101 -3.50 12.53 15.70
N LEU B 102 -3.64 11.65 16.70
CA LEU B 102 -2.49 11.29 17.52
C LEU B 102 -1.48 10.43 16.75
N ALA B 103 -1.96 9.61 15.82
CA ALA B 103 -1.11 8.66 15.12
C ALA B 103 -0.44 9.21 13.88
N LEU B 104 -1.01 10.25 13.27
CA LEU B 104 -0.49 10.74 11.99
C LEU B 104 1.02 11.04 12.00
N PRO B 105 1.62 11.65 13.03
CA PRO B 105 3.07 11.91 12.97
C PRO B 105 3.94 10.65 12.90
N TYR B 106 3.40 9.50 13.27
CA TYR B 106 4.08 8.21 13.24
C TYR B 106 3.80 7.39 12.01
N ALA B 107 2.99 7.91 11.08
CA ALA B 107 2.45 7.13 9.98
C ALA B 107 3.28 7.32 8.71
N THR B 108 3.34 6.27 7.90
CA THR B 108 3.99 6.36 6.61
C THR B 108 3.02 6.23 5.45
N ARG B 109 1.82 5.70 5.68
CA ARG B 109 0.81 5.55 4.66
C ARG B 109 -0.57 5.93 5.22
N CYS B 110 -1.41 6.50 4.36
CA CYS B 110 -2.85 6.60 4.64
C CYS B 110 -3.62 6.01 3.48
N GLU B 111 -4.55 5.13 3.77
CA GLU B 111 -5.44 4.56 2.78
C GLU B 111 -6.81 5.20 3.00
N VAL B 112 -7.20 6.10 2.10
CA VAL B 112 -8.34 6.98 2.32
C VAL B 112 -9.42 6.72 1.28
N THR B 113 -10.65 6.52 1.74
CA THR B 113 -11.82 6.49 0.88
C THR B 113 -12.55 7.82 0.98
N GLU B 114 -12.81 8.44 -0.17
CA GLU B 114 -13.66 9.62 -0.22
C GLU B 114 -15.06 9.20 -0.68
N VAL B 115 -16.07 9.53 0.12
CA VAL B 115 -17.47 9.24 -0.20
C VAL B 115 -18.11 10.54 -0.69
N ASP B 116 -18.68 10.52 -1.90
CA ASP B 116 -19.28 11.71 -2.51
C ASP B 116 -20.73 11.89 -2.05
N ILE B 117 -20.92 12.37 -0.81
CA ILE B 117 -22.29 12.52 -0.30
C ILE B 117 -22.66 13.92 0.16
N GLY B 118 -21.74 14.87 0.21
CA GLY B 118 -22.08 16.21 0.66
C GLY B 118 -22.76 16.24 2.01
N LEU B 119 -21.95 16.02 3.04
CA LEU B 119 -22.36 15.86 4.43
C LEU B 119 -21.67 16.97 5.22
N PRO B 120 -22.38 18.05 5.56
CA PRO B 120 -21.73 19.17 6.25
C PRO B 120 -21.13 18.79 7.59
N ARG B 121 -20.06 19.48 7.97
CA ARG B 121 -19.46 19.29 9.27
C ARG B 121 -20.35 19.92 10.33
N GLU B 122 -20.67 19.16 11.37
CA GLU B 122 -21.53 19.62 12.44
C GLU B 122 -20.71 19.60 13.72
N ALA B 123 -21.04 20.47 14.69
CA ALA B 123 -20.35 20.42 15.98
C ALA B 123 -20.45 19.02 16.56
N GLY B 124 -19.33 18.53 17.10
CA GLY B 124 -19.30 17.19 17.66
C GLY B 124 -18.91 16.09 16.68
N ASP B 125 -18.92 16.35 15.38
CA ASP B 125 -18.49 15.34 14.41
C ASP B 125 -17.05 14.95 14.64
N ALA B 126 -16.74 13.68 14.41
CA ALA B 126 -15.37 13.24 14.23
C ALA B 126 -14.92 13.52 12.80
N LEU B 127 -13.69 14.00 12.65
CA LEU B 127 -13.16 14.39 11.36
C LEU B 127 -11.90 13.60 11.02
N ALA B 128 -11.68 13.43 9.72
CA ALA B 128 -10.42 12.94 9.22
C ALA B 128 -9.30 13.95 9.42
N PRO B 129 -8.07 13.49 9.58
CA PRO B 129 -6.94 14.43 9.60
C PRO B 129 -6.75 15.06 8.24
N VAL B 130 -6.27 16.30 8.20
CA VAL B 130 -5.99 16.94 6.93
C VAL B 130 -4.54 16.66 6.58
N LEU B 131 -4.31 16.30 5.33
CA LEU B 131 -3.02 15.78 4.89
C LEU B 131 -2.29 16.89 4.15
N ASP B 132 -1.15 17.30 4.69
CA ASP B 132 -0.42 18.45 4.18
C ASP B 132 0.33 18.09 2.90
N GLU B 133 1.23 19.00 2.54
CA GLU B 133 2.08 18.89 1.35
C GLU B 133 2.85 17.58 1.31
N THR B 134 3.40 17.18 2.45
CA THR B 134 4.33 16.06 2.49
C THR B 134 3.66 14.73 2.16
N TRP B 135 2.34 14.67 2.11
CA TRP B 135 1.63 13.43 1.83
C TRP B 135 1.40 13.34 0.34
N ARG B 136 2.06 12.38 -0.31
CA ARG B 136 1.93 12.27 -1.75
C ARG B 136 0.91 11.19 -2.07
N GLY B 137 -0.04 11.57 -2.91
CA GLY B 137 -1.23 10.78 -3.13
C GLY B 137 -1.35 10.31 -4.56
N GLU B 138 -1.95 9.14 -4.71
CA GLU B 138 -2.34 8.60 -6.00
C GLU B 138 -3.86 8.45 -5.97
N THR B 139 -4.53 9.23 -6.82
CA THR B 139 -5.98 9.29 -6.84
C THR B 139 -6.55 8.16 -7.67
N GLY B 140 -7.60 7.51 -7.15
CA GLY B 140 -8.30 6.52 -7.93
C GLY B 140 -9.44 7.09 -8.74
N GLU B 141 -10.00 6.25 -9.60
CA GLU B 141 -11.15 6.66 -10.39
C GLU B 141 -12.40 6.60 -9.52
N TRP B 142 -13.34 7.50 -9.78
CA TRP B 142 -14.64 7.47 -9.11
C TRP B 142 -15.36 6.17 -9.41
N ARG B 143 -15.99 5.60 -8.39
CA ARG B 143 -16.87 4.45 -8.54
C ARG B 143 -18.21 4.63 -7.89
N PHE B 144 -19.19 3.89 -8.42
CA PHE B 144 -20.51 3.78 -7.84
C PHE B 144 -20.63 2.48 -7.07
N SER B 145 -21.11 2.58 -5.83
CA SER B 145 -21.31 1.47 -4.91
C SER B 145 -22.68 0.83 -5.09
N ARG B 146 -22.78 -0.44 -4.68
CA ARG B 146 -24.07 -1.11 -4.58
C ARG B 146 -25.03 -0.35 -3.69
N SER B 147 -24.53 0.51 -2.81
CA SER B 147 -25.38 1.29 -1.92
C SER B 147 -25.98 2.51 -2.59
N GLY B 148 -25.44 2.91 -3.73
CA GLY B 148 -25.90 4.07 -4.46
C GLY B 148 -24.93 5.25 -4.42
N LEU B 149 -23.97 5.23 -3.48
CA LEU B 149 -23.06 6.36 -3.33
C LEU B 149 -21.85 6.19 -4.23
N ARG B 150 -21.36 7.32 -4.76
CA ARG B 150 -20.11 7.35 -5.49
C ARG B 150 -18.96 7.48 -4.49
N TYR B 151 -17.83 6.83 -4.81
CA TYR B 151 -16.68 6.87 -3.91
C TYR B 151 -15.40 6.68 -4.71
N ARG B 152 -14.27 7.07 -4.11
CA ARG B 152 -12.98 6.80 -4.74
C ARG B 152 -11.91 6.61 -3.67
N LEU B 153 -10.83 5.93 -4.06
CA LEU B 153 -9.76 5.54 -3.15
C LEU B 153 -8.51 6.36 -3.40
N TYR B 154 -7.88 6.82 -2.33
CA TYR B 154 -6.57 7.47 -2.37
C TYR B 154 -5.57 6.62 -1.59
N SER B 155 -4.36 6.49 -2.13
CA SER B 155 -3.25 5.88 -1.40
C SER B 155 -2.20 6.95 -1.15
N TYR B 156 -2.11 7.43 0.08
CA TYR B 156 -1.15 8.46 0.44
C TYR B 156 0.10 7.82 1.03
N HIS B 157 1.24 8.43 0.76
CA HIS B 157 2.51 7.91 1.27
C HIS B 157 3.49 9.04 1.52
N ARG B 158 4.44 8.79 2.42
CA ARG B 158 5.62 9.65 2.51
C ARG B 158 6.84 8.86 2.98
N SER B 159 8.01 9.32 2.50
CA SER B 159 9.32 8.79 2.84
C SER B 159 9.96 9.50 4.05
#